data_6M8H
#
_entry.id   6M8H
#
_cell.length_a   79.558
_cell.length_b   79.558
_cell.length_c   105.421
_cell.angle_alpha   90.00
_cell.angle_beta   90.00
_cell.angle_gamma   120.00
#
_symmetry.space_group_name_H-M   'P 32 2 1'
#
loop_
_entity.id
_entity.type
_entity.pdbx_description
1 polymer 'Guanine nucleotide-binding protein G(i) subunit alpha-1'
2 non-polymer "5'-GUANOSINE-DIPHOSPHATE-MONOTHIOPHOSPHATE"
3 non-polymer 'MAGNESIUM ION'
4 water water
#
_entity_poly.entity_id   1
_entity_poly.type   'polypeptide(L)'
_entity_poly.pdbx_seq_one_letter_code
;MGCTLSAEDKAAVERSKMIDRNLREDGEKAAREVKLLLLGAGESGKSTIVKQMKIIHEAGYSEEECKQYKAVVYSNTIQS
IIAIIRAMGRLKIDFGDAARADDARQLFVLAGAAEEGFMTAELAGVIKRLWKDSGVQACFNRSREYQLNDSAAYYLNDLD
RIAQPNYIPTQQDVLRTRVKTTGIVETHFTFKDLHFKMFDVGGQRSEQKKWIHCFEGVTAIIFCVALSDYDLVLAEDEEM
NRMHESMKLFDSICNNKWFTDTSIILFLNKKDLFEEKIKKSPLTICYPEYAGSNTYEEAAAYIQCQFEDLNKRKDTKEIY
THFTCATDTKNVQFVFDAVTDVIIKNNLKDCGLF
;
_entity_poly.pdbx_strand_id   A
#
loop_
_chem_comp.id
_chem_comp.type
_chem_comp.name
_chem_comp.formula
GSP non-polymer 5'-GUANOSINE-DIPHOSPHATE-MONOTHIOPHOSPHATE 'C10 H16 N5 O13 P3 S'
MG non-polymer 'MAGNESIUM ION' 'Mg 2'
#
# COMPACT_ATOMS: atom_id res chain seq x y z
N ARG A 32 -22.54 -11.15 -18.03
CA ARG A 32 -21.69 -10.22 -18.76
C ARG A 32 -20.29 -10.18 -18.15
N GLU A 33 -19.29 -9.89 -18.99
CA GLU A 33 -17.91 -9.80 -18.57
C GLU A 33 -17.56 -8.35 -18.29
N VAL A 34 -16.89 -8.10 -17.17
CA VAL A 34 -16.53 -6.76 -16.73
C VAL A 34 -15.01 -6.72 -16.52
N LYS A 35 -14.33 -5.86 -17.27
CA LYS A 35 -12.89 -5.70 -17.16
C LYS A 35 -12.59 -4.49 -16.29
N LEU A 36 -11.92 -4.72 -15.16
CA LEU A 36 -11.51 -3.67 -14.24
C LEU A 36 -9.99 -3.54 -14.30
N LEU A 37 -9.51 -2.30 -14.34
CA LEU A 37 -8.08 -2.01 -14.39
C LEU A 37 -7.70 -1.20 -13.16
N LEU A 38 -6.77 -1.74 -12.37
CA LEU A 38 -6.27 -1.05 -11.19
C LEU A 38 -5.04 -0.24 -11.58
N LEU A 39 -5.08 1.07 -11.33
CA LEU A 39 -3.97 1.96 -11.63
C LEU A 39 -3.64 2.79 -10.40
N GLY A 40 -2.47 3.41 -10.43
CA GLY A 40 -1.99 4.24 -9.34
C GLY A 40 -0.50 4.07 -9.15
N ALA A 41 0.09 5.01 -8.41
CA ALA A 41 1.52 4.99 -8.15
C ALA A 41 1.89 3.76 -7.31
N GLY A 42 3.20 3.53 -7.19
CA GLY A 42 3.66 2.38 -6.45
C GLY A 42 3.26 2.46 -4.99
N GLU A 43 2.90 1.31 -4.42
CA GLU A 43 2.51 1.16 -3.02
C GLU A 43 1.21 1.88 -2.67
N SER A 44 0.37 2.16 -3.67
CA SER A 44 -0.89 2.83 -3.42
C SER A 44 -1.98 1.86 -2.93
N GLY A 45 -1.77 0.56 -3.04
CA GLY A 45 -2.71 -0.42 -2.52
C GLY A 45 -3.34 -1.33 -3.56
N LYS A 46 -2.86 -1.27 -4.81
CA LYS A 46 -3.53 -1.97 -5.90
C LYS A 46 -3.57 -3.48 -5.67
N SER A 47 -2.40 -4.07 -5.36
CA SER A 47 -2.36 -5.52 -5.20
CA SER A 47 -2.33 -5.52 -5.19
C SER A 47 -3.08 -5.98 -3.94
N THR A 48 -3.18 -5.13 -2.93
CA THR A 48 -3.95 -5.46 -1.74
C THR A 48 -5.44 -5.56 -2.08
N ILE A 49 -5.93 -4.68 -2.95
CA ILE A 49 -7.30 -4.80 -3.44
C ILE A 49 -7.49 -6.13 -4.17
N VAL A 50 -6.51 -6.53 -4.98
CA VAL A 50 -6.58 -7.82 -5.67
C VAL A 50 -6.75 -8.95 -4.65
N LYS A 51 -5.94 -8.93 -3.59
CA LYS A 51 -6.04 -9.96 -2.55
C LYS A 51 -7.42 -9.97 -1.90
N GLN A 52 -8.02 -8.79 -1.70
CA GLN A 52 -9.32 -8.74 -1.05
C GLN A 52 -10.40 -9.39 -1.90
N MET A 53 -10.28 -9.31 -3.23
CA MET A 53 -11.28 -9.95 -4.08
CA MET A 53 -11.27 -9.96 -4.09
C MET A 53 -11.25 -11.47 -3.91
N LYS A 54 -10.06 -12.05 -3.70
CA LYS A 54 -9.99 -13.48 -3.44
C LYS A 54 -10.59 -13.82 -2.08
N ILE A 55 -10.36 -12.96 -1.08
CA ILE A 55 -10.90 -13.21 0.25
C ILE A 55 -12.41 -13.05 0.26
N ILE A 56 -12.91 -11.97 -0.34
CA ILE A 56 -14.33 -11.66 -0.24
C ILE A 56 -15.14 -12.55 -1.18
N HIS A 57 -14.63 -12.80 -2.39
CA HIS A 57 -15.44 -13.42 -3.42
C HIS A 57 -15.01 -14.82 -3.83
N GLU A 58 -13.95 -15.39 -3.24
CA GLU A 58 -13.56 -16.78 -3.52
C GLU A 58 -12.98 -17.45 -2.29
N ALA A 59 -13.59 -17.24 -1.12
CA ALA A 59 -13.37 -18.03 0.09
C ALA A 59 -11.97 -17.87 0.70
N GLY A 60 -11.15 -16.96 0.18
CA GLY A 60 -9.91 -16.64 0.84
C GLY A 60 -8.75 -17.55 0.46
N TYR A 61 -7.65 -17.35 1.19
CA TYR A 61 -6.42 -18.08 0.94
C TYR A 61 -6.41 -19.36 1.74
N SER A 62 -6.12 -20.48 1.07
CA SER A 62 -6.01 -21.75 1.75
C SER A 62 -4.74 -21.80 2.59
N GLU A 63 -4.60 -22.89 3.35
CA GLU A 63 -3.42 -23.04 4.19
C GLU A 63 -2.14 -23.13 3.36
N GLU A 64 -2.17 -23.90 2.27
CA GLU A 64 -0.99 -24.02 1.42
C GLU A 64 -0.63 -22.67 0.81
N GLU A 65 -1.65 -21.87 0.45
CA GLU A 65 -1.39 -20.54 -0.09
C GLU A 65 -0.82 -19.61 0.97
N CYS A 66 -1.42 -19.59 2.17
CA CYS A 66 -0.89 -18.79 3.26
C CYS A 66 0.57 -19.14 3.55
N LYS A 67 0.90 -20.43 3.50
CA LYS A 67 2.27 -20.85 3.78
C LYS A 67 3.25 -20.31 2.74
N GLN A 68 2.81 -20.13 1.50
CA GLN A 68 3.66 -19.49 0.50
C GLN A 68 4.06 -18.08 0.92
N TYR A 69 3.17 -17.36 1.60
CA TYR A 69 3.46 -16.00 2.01
C TYR A 69 4.32 -15.92 3.27
N LYS A 70 4.61 -17.06 3.88
CA LYS A 70 5.43 -17.05 5.10
C LYS A 70 6.80 -16.45 4.84
N ALA A 71 7.42 -16.81 3.71
CA ALA A 71 8.72 -16.24 3.38
C ALA A 71 8.63 -14.75 3.10
N VAL A 72 7.50 -14.29 2.54
CA VAL A 72 7.32 -12.86 2.29
C VAL A 72 7.18 -12.11 3.61
N VAL A 73 6.39 -12.66 4.55
CA VAL A 73 6.24 -12.03 5.86
C VAL A 73 7.60 -11.93 6.55
N TYR A 74 8.38 -13.01 6.53
CA TYR A 74 9.70 -12.98 7.16
C TYR A 74 10.64 -12.02 6.44
N SER A 75 10.60 -12.01 5.09
CA SER A 75 11.42 -11.07 4.35
CA SER A 75 11.42 -11.06 4.34
C SER A 75 11.03 -9.63 4.66
N ASN A 76 9.72 -9.34 4.68
CA ASN A 76 9.26 -8.00 5.01
C ASN A 76 9.73 -7.59 6.40
N THR A 77 9.66 -8.51 7.36
CA THR A 77 10.01 -8.17 8.74
C THR A 77 11.49 -7.86 8.87
N ILE A 78 12.35 -8.72 8.32
CA ILE A 78 13.78 -8.51 8.47
C ILE A 78 14.23 -7.28 7.67
N GLN A 79 13.65 -7.08 6.49
CA GLN A 79 13.98 -5.89 5.71
C GLN A 79 13.58 -4.61 6.45
N SER A 80 12.48 -4.66 7.21
CA SER A 80 12.01 -3.46 7.88
C SER A 80 12.93 -3.06 9.03
N ILE A 81 13.28 -4.02 9.90
CA ILE A 81 14.19 -3.70 11.00
C ILE A 81 15.56 -3.31 10.47
N ILE A 82 16.00 -3.94 9.36
CA ILE A 82 17.29 -3.56 8.78
C ILE A 82 17.24 -2.14 8.23
N ALA A 83 16.12 -1.76 7.61
CA ALA A 83 15.99 -0.41 7.09
C ALA A 83 16.09 0.62 8.21
N ILE A 84 15.48 0.33 9.36
CA ILE A 84 15.56 1.25 10.50
C ILE A 84 17.00 1.33 11.00
N ILE A 85 17.65 0.18 11.20
CA ILE A 85 19.04 0.17 11.64
C ILE A 85 19.91 0.94 10.67
N ARG A 86 19.71 0.71 9.36
CA ARG A 86 20.42 1.48 8.34
C ARG A 86 20.22 2.97 8.52
N ALA A 87 18.99 3.40 8.84
CA ALA A 87 18.71 4.82 8.94
C ALA A 87 19.34 5.45 10.17
N MET A 88 19.44 4.73 11.28
CA MET A 88 20.17 5.24 12.43
C MET A 88 21.60 5.62 12.06
N GLY A 89 22.18 4.90 11.11
CA GLY A 89 23.53 5.23 10.70
C GLY A 89 23.58 6.54 9.94
N ARG A 90 22.66 6.73 9.00
CA ARG A 90 22.66 7.93 8.18
C ARG A 90 22.23 9.16 8.98
N LEU A 91 21.27 8.98 9.88
CA LEU A 91 20.78 10.06 10.72
C LEU A 91 21.57 10.21 12.02
N LYS A 92 22.58 9.38 12.26
CA LYS A 92 23.40 9.44 13.46
C LYS A 92 22.51 9.41 14.72
N ILE A 93 21.76 8.32 14.84
CA ILE A 93 20.93 8.07 16.01
C ILE A 93 21.53 6.90 16.77
N ASP A 94 21.84 7.11 18.04
CA ASP A 94 22.43 6.06 18.84
C ASP A 94 21.36 5.11 19.36
N PHE A 95 21.75 3.86 19.59
CA PHE A 95 20.89 2.95 20.33
C PHE A 95 20.60 3.51 21.72
N GLY A 96 19.45 3.13 22.26
CA GLY A 96 19.13 3.54 23.62
C GLY A 96 20.02 2.87 24.65
N ASP A 97 20.23 1.56 24.50
CA ASP A 97 21.14 0.80 25.34
C ASP A 97 22.29 0.29 24.48
N ALA A 98 23.52 0.42 25.01
CA ALA A 98 24.69 0.06 24.23
C ALA A 98 24.75 -1.43 23.93
N ALA A 99 24.01 -2.25 24.68
CA ALA A 99 24.00 -3.69 24.43
C ALA A 99 23.36 -4.05 23.10
N ARG A 100 22.54 -3.16 22.54
CA ARG A 100 21.91 -3.44 21.26
C ARG A 100 22.91 -3.49 20.11
N ALA A 101 24.12 -2.96 20.31
CA ALA A 101 25.14 -3.04 19.28
C ALA A 101 25.50 -4.49 18.96
N ASP A 102 25.49 -5.37 19.97
CA ASP A 102 25.76 -6.77 19.71
C ASP A 102 24.56 -7.45 19.06
N ASP A 103 23.35 -7.09 19.48
CA ASP A 103 22.15 -7.61 18.81
C ASP A 103 22.12 -7.22 17.34
N ALA A 104 22.47 -5.97 17.03
CA ALA A 104 22.49 -5.55 15.64
C ALA A 104 23.57 -6.28 14.83
N ARG A 105 24.69 -6.63 15.47
CA ARG A 105 25.67 -7.49 14.81
C ARG A 105 25.07 -8.86 14.51
N GLN A 106 24.45 -9.47 15.52
CA GLN A 106 23.85 -10.78 15.32
C GLN A 106 22.71 -10.73 14.30
N LEU A 107 22.04 -9.58 14.18
CA LEU A 107 20.96 -9.44 13.21
C LEU A 107 21.44 -9.81 11.81
N PHE A 108 22.54 -9.21 11.36
CA PHE A 108 23.03 -9.48 10.02
C PHE A 108 23.61 -10.88 9.91
N VAL A 109 24.14 -11.43 11.01
CA VAL A 109 24.65 -12.79 11.00
C VAL A 109 23.53 -13.79 10.74
N LEU A 110 22.38 -13.60 11.38
CA LEU A 110 21.29 -14.56 11.33
C LEU A 110 20.24 -14.22 10.28
N ALA A 111 20.37 -13.08 9.60
CA ALA A 111 19.28 -12.61 8.75
C ALA A 111 19.02 -13.56 7.58
N GLY A 112 20.04 -14.31 7.15
CA GLY A 112 19.88 -15.18 5.98
C GLY A 112 18.75 -16.18 6.10
N ALA A 113 18.49 -16.68 7.31
CA ALA A 113 17.42 -17.66 7.49
C ALA A 113 16.06 -17.05 7.14
N ALA A 114 15.80 -15.83 7.61
CA ALA A 114 14.50 -15.21 7.37
C ALA A 114 14.25 -14.99 5.88
N GLU A 115 15.29 -14.61 5.14
CA GLU A 115 15.19 -14.46 3.70
C GLU A 115 14.98 -15.80 2.98
N GLU A 116 14.84 -16.91 3.72
CA GLU A 116 14.56 -18.22 3.15
C GLU A 116 13.31 -18.85 3.75
N GLY A 117 12.55 -18.13 4.56
CA GLY A 117 11.32 -18.65 5.12
C GLY A 117 11.46 -19.32 6.47
N PHE A 118 12.55 -19.11 7.18
CA PHE A 118 12.76 -19.72 8.47
C PHE A 118 13.00 -18.63 9.51
N MET A 119 12.62 -18.92 10.76
CA MET A 119 12.70 -17.94 11.84
C MET A 119 13.12 -18.66 13.11
N THR A 120 14.40 -18.57 13.45
CA THR A 120 14.88 -19.21 14.66
C THR A 120 14.47 -18.40 15.89
N ALA A 121 14.41 -19.08 17.04
CA ALA A 121 14.09 -18.39 18.28
C ALA A 121 15.14 -17.35 18.62
N GLU A 122 16.39 -17.55 18.17
CA GLU A 122 17.44 -16.59 18.46
C GLU A 122 17.29 -15.32 17.64
N LEU A 123 16.89 -15.47 16.37
CA LEU A 123 16.69 -14.28 15.52
C LEU A 123 15.52 -13.45 16.01
N ALA A 124 14.42 -14.08 16.39
CA ALA A 124 13.27 -13.35 16.91
C ALA A 124 13.63 -12.57 18.17
N GLY A 125 14.40 -13.17 19.06
CA GLY A 125 14.83 -12.46 20.25
C GLY A 125 15.68 -11.24 19.92
N VAL A 126 16.57 -11.38 18.93
CA VAL A 126 17.39 -10.26 18.49
C VAL A 126 16.52 -9.13 17.96
N ILE A 127 15.54 -9.48 17.10
CA ILE A 127 14.67 -8.46 16.52
C ILE A 127 13.82 -7.80 17.60
N LYS A 128 13.26 -8.62 18.51
CA LYS A 128 12.36 -8.07 19.52
C LYS A 128 13.07 -7.05 20.40
N ARG A 129 14.31 -7.34 20.80
CA ARG A 129 15.06 -6.41 21.64
C ARG A 129 15.40 -5.13 20.88
N LEU A 130 15.82 -5.26 19.63
CA LEU A 130 16.11 -4.08 18.82
C LEU A 130 14.85 -3.22 18.65
N TRP A 131 13.70 -3.86 18.41
CA TRP A 131 12.47 -3.13 18.16
C TRP A 131 12.02 -2.35 19.39
N LYS A 132 12.29 -2.87 20.60
CA LYS A 132 11.87 -2.18 21.82
C LYS A 132 12.87 -1.11 22.26
N ASP A 133 14.04 -1.04 21.65
CA ASP A 133 15.03 -0.04 22.02
C ASP A 133 14.52 1.37 21.71
N SER A 134 14.83 2.31 22.61
CA SER A 134 14.31 3.66 22.45
C SER A 134 14.98 4.41 21.29
N GLY A 135 16.25 4.12 21.03
CA GLY A 135 16.91 4.71 19.87
C GLY A 135 16.34 4.21 18.55
N VAL A 136 16.05 2.92 18.48
CA VAL A 136 15.40 2.36 17.30
C VAL A 136 14.01 2.97 17.13
N GLN A 137 13.26 3.13 18.23
CA GLN A 137 11.92 3.70 18.15
C GLN A 137 11.99 5.17 17.72
N ALA A 138 13.00 5.90 18.17
CA ALA A 138 13.17 7.28 17.73
C ALA A 138 13.37 7.34 16.23
N CYS A 139 14.17 6.43 15.68
CA CYS A 139 14.37 6.41 14.24
C CYS A 139 13.12 5.97 13.52
N PHE A 140 12.38 5.01 14.09
CA PHE A 140 11.13 4.57 13.46
C PHE A 140 10.17 5.74 13.30
N ASN A 141 10.08 6.60 14.30
CA ASN A 141 9.16 7.73 14.23
C ASN A 141 9.67 8.85 13.32
N ARG A 142 10.82 8.66 12.66
CA ARG A 142 11.28 9.61 11.65
C ARG A 142 11.32 8.96 10.27
N SER A 143 10.48 7.95 10.04
CA SER A 143 10.56 7.13 8.84
C SER A 143 10.30 7.90 7.56
N ARG A 144 9.63 9.06 7.61
CA ARG A 144 9.47 9.82 6.39
C ARG A 144 10.79 10.37 5.86
N GLU A 145 11.86 10.33 6.66
CA GLU A 145 13.18 10.73 6.20
C GLU A 145 13.94 9.59 5.51
N TYR A 146 13.33 8.43 5.37
CA TYR A 146 13.92 7.35 4.58
C TYR A 146 12.78 6.50 4.01
N GLN A 147 13.07 5.25 3.66
CA GLN A 147 12.10 4.36 3.03
C GLN A 147 11.83 3.19 3.97
N LEU A 148 10.58 3.03 4.39
CA LEU A 148 10.18 1.99 5.32
C LEU A 148 8.82 1.44 4.92
N ASN A 149 8.69 0.12 4.87
CA ASN A 149 7.40 -0.49 4.56
C ASN A 149 6.33 -0.02 5.52
N ASP A 150 5.14 0.27 4.98
CA ASP A 150 4.02 0.70 5.84
C ASP A 150 3.66 -0.37 6.86
N SER A 151 3.87 -1.64 6.54
CA SER A 151 3.55 -2.74 7.46
C SER A 151 4.66 -3.04 8.45
N ALA A 152 5.71 -2.22 8.51
CA ALA A 152 6.83 -2.52 9.40
C ALA A 152 6.35 -2.74 10.83
N ALA A 153 5.54 -1.82 11.35
CA ALA A 153 5.10 -1.93 12.74
C ALA A 153 4.12 -3.08 12.93
N TYR A 154 3.27 -3.34 11.95
CA TYR A 154 2.32 -4.45 12.05
C TYR A 154 3.02 -5.77 12.34
N TYR A 155 4.07 -6.09 11.57
CA TYR A 155 4.77 -7.35 11.77
C TYR A 155 5.64 -7.31 13.01
N LEU A 156 6.35 -6.19 13.24
CA LEU A 156 7.30 -6.13 14.34
C LEU A 156 6.57 -6.14 15.69
N ASN A 157 5.39 -5.54 15.78
CA ASN A 157 4.61 -5.62 17.01
C ASN A 157 4.00 -6.99 17.24
N ASP A 158 4.01 -7.87 16.24
CA ASP A 158 3.44 -9.21 16.33
C ASP A 158 4.52 -10.27 16.22
N LEU A 159 5.75 -9.94 16.61
CA LEU A 159 6.87 -10.86 16.41
C LEU A 159 6.66 -12.18 17.13
N ASP A 160 6.10 -12.13 18.34
CA ASP A 160 5.89 -13.36 19.11
C ASP A 160 4.98 -14.33 18.38
N ARG A 161 3.96 -13.81 17.70
CA ARG A 161 3.04 -14.70 16.99
C ARG A 161 3.66 -15.24 15.71
N ILE A 162 4.33 -14.39 14.93
CA ILE A 162 4.84 -14.84 13.64
C ILE A 162 6.10 -15.67 13.78
N ALA A 163 6.80 -15.58 14.91
CA ALA A 163 8.03 -16.33 15.12
C ALA A 163 7.80 -17.74 15.65
N GLN A 164 6.55 -18.12 15.90
CA GLN A 164 6.28 -19.44 16.46
C GLN A 164 6.63 -20.52 15.45
N PRO A 165 7.00 -21.71 15.91
CA PRO A 165 7.15 -22.84 14.99
C PRO A 165 5.81 -23.19 14.37
N ASN A 166 5.85 -23.60 13.10
CA ASN A 166 4.65 -23.91 12.34
C ASN A 166 3.72 -22.70 12.25
N TYR A 167 4.28 -21.49 12.28
CA TYR A 167 3.49 -20.30 12.03
C TYR A 167 2.89 -20.36 10.63
N ILE A 168 1.60 -20.09 10.54
CA ILE A 168 0.89 -20.00 9.27
C ILE A 168 0.31 -18.60 9.17
N PRO A 169 0.68 -17.82 8.16
CA PRO A 169 0.16 -16.45 8.07
C PRO A 169 -1.35 -16.41 8.01
N THR A 170 -1.93 -15.43 8.72
CA THR A 170 -3.36 -15.18 8.65
C THR A 170 -3.71 -14.45 7.36
N GLN A 171 -5.02 -14.31 7.11
CA GLN A 171 -5.45 -13.53 5.96
C GLN A 171 -4.91 -12.09 6.05
N GLN A 172 -4.96 -11.51 7.25
CA GLN A 172 -4.46 -10.15 7.41
C GLN A 172 -2.95 -10.08 7.19
N ASP A 173 -2.21 -11.09 7.68
CA ASP A 173 -0.78 -11.17 7.39
C ASP A 173 -0.52 -11.15 5.89
N VAL A 174 -1.29 -11.92 5.14
CA VAL A 174 -1.14 -11.95 3.68
C VAL A 174 -1.45 -10.58 3.10
N LEU A 175 -2.55 -9.97 3.54
CA LEU A 175 -2.92 -8.65 3.06
C LEU A 175 -1.84 -7.61 3.35
N ARG A 176 -1.10 -7.76 4.45
CA ARG A 176 -0.10 -6.77 4.80
C ARG A 176 1.22 -6.95 4.07
N THR A 177 1.42 -8.06 3.35
CA THR A 177 2.70 -8.28 2.69
C THR A 177 2.94 -7.24 1.59
N ARG A 178 4.22 -6.98 1.33
CA ARG A 178 4.62 -6.00 0.34
C ARG A 178 5.56 -6.67 -0.65
N VAL A 179 5.15 -6.77 -1.90
CA VAL A 179 6.01 -7.21 -3.00
C VAL A 179 5.72 -6.31 -4.19
N LYS A 180 6.77 -5.69 -4.74
CA LYS A 180 6.61 -4.83 -5.91
C LYS A 180 6.05 -5.64 -7.07
N THR A 181 5.02 -5.10 -7.72
CA THR A 181 4.41 -5.76 -8.86
C THR A 181 5.16 -5.39 -10.12
N THR A 182 5.61 -6.41 -10.86
CA THR A 182 6.14 -6.22 -12.20
C THR A 182 5.28 -7.03 -13.14
N GLY A 183 5.04 -6.50 -14.31
CA GLY A 183 4.19 -7.22 -15.22
C GLY A 183 2.73 -6.87 -14.99
N ILE A 184 1.87 -7.75 -15.50
CA ILE A 184 0.44 -7.61 -15.39
C ILE A 184 -0.08 -8.82 -14.63
N VAL A 185 -0.83 -8.57 -13.57
CA VAL A 185 -1.51 -9.62 -12.81
C VAL A 185 -2.98 -9.61 -13.22
N GLU A 186 -3.49 -10.76 -13.61
CA GLU A 186 -4.89 -10.89 -14.01
C GLU A 186 -5.56 -11.93 -13.12
N THR A 187 -6.66 -11.53 -12.48
CA THR A 187 -7.45 -12.42 -11.64
CA THR A 187 -7.45 -12.42 -11.64
C THR A 187 -8.91 -12.35 -12.05
N HIS A 188 -9.64 -13.44 -11.84
CA HIS A 188 -11.04 -13.57 -12.22
C HIS A 188 -11.88 -13.90 -10.99
N PHE A 189 -13.09 -13.36 -10.94
CA PHE A 189 -14.03 -13.74 -9.90
C PHE A 189 -15.45 -13.40 -10.34
N THR A 190 -16.41 -14.06 -9.72
CA THR A 190 -17.81 -13.84 -10.01
C THR A 190 -18.47 -13.14 -8.83
N PHE A 191 -19.28 -12.13 -9.13
CA PHE A 191 -19.98 -11.38 -8.08
C PHE A 191 -21.22 -10.75 -8.70
N LYS A 192 -22.36 -10.94 -8.03
CA LYS A 192 -23.64 -10.41 -8.49
C LYS A 192 -23.93 -10.80 -9.93
N ASP A 193 -23.67 -12.07 -10.25
CA ASP A 193 -23.88 -12.66 -11.58
C ASP A 193 -22.97 -12.06 -12.65
N LEU A 194 -21.95 -11.30 -12.25
CA LEU A 194 -21.01 -10.70 -13.19
C LEU A 194 -19.68 -11.46 -13.13
N HIS A 195 -19.05 -11.64 -14.29
CA HIS A 195 -17.74 -12.26 -14.37
C HIS A 195 -16.70 -11.15 -14.48
N PHE A 196 -16.00 -10.89 -13.38
CA PHE A 196 -15.01 -9.84 -13.34
C PHE A 196 -13.66 -10.35 -13.81
N LYS A 197 -13.00 -9.58 -14.66
CA LYS A 197 -11.59 -9.75 -14.99
C LYS A 197 -10.86 -8.51 -14.49
N MET A 198 -10.07 -8.67 -13.43
CA MET A 198 -9.38 -7.56 -12.79
C MET A 198 -7.91 -7.58 -13.17
N PHE A 199 -7.40 -6.44 -13.64
CA PHE A 199 -6.02 -6.33 -14.10
C PHE A 199 -5.26 -5.40 -13.17
N ASP A 200 -4.07 -5.83 -12.76
CA ASP A 200 -3.21 -5.10 -11.84
C ASP A 200 -1.85 -4.94 -12.48
N VAL A 201 -1.31 -3.72 -12.43
CA VAL A 201 -0.01 -3.42 -13.02
C VAL A 201 0.87 -2.79 -11.96
N GLY A 202 2.17 -2.79 -12.21
CA GLY A 202 3.09 -2.12 -11.32
C GLY A 202 2.98 -0.61 -11.44
N GLY A 203 3.19 0.07 -10.32
CA GLY A 203 3.01 1.50 -10.27
C GLY A 203 4.29 2.30 -10.17
N GLN A 204 5.41 1.65 -9.90
CA GLN A 204 6.69 2.35 -9.90
C GLN A 204 7.00 2.87 -11.30
N ARG A 205 7.88 3.87 -11.36
CA ARG A 205 8.10 4.59 -12.61
C ARG A 205 8.60 3.67 -13.72
N SER A 206 9.39 2.65 -13.38
CA SER A 206 9.86 1.71 -14.40
C SER A 206 8.71 0.93 -15.00
N GLU A 207 7.61 0.74 -14.26
CA GLU A 207 6.48 -0.03 -14.75
C GLU A 207 5.40 0.82 -15.39
N GLN A 208 5.46 2.16 -15.24
CA GLN A 208 4.41 3.01 -15.78
C GLN A 208 4.38 2.95 -17.30
N LYS A 209 5.51 2.69 -17.95
CA LYS A 209 5.51 2.54 -19.40
C LYS A 209 4.74 1.31 -19.86
N LYS A 210 4.46 0.35 -18.97
CA LYS A 210 3.71 -0.85 -19.33
C LYS A 210 2.20 -0.68 -19.21
N TRP A 211 1.72 0.44 -18.65
CA TRP A 211 0.29 0.63 -18.45
C TRP A 211 -0.50 0.54 -19.76
N ILE A 212 0.09 1.00 -20.87
CA ILE A 212 -0.59 1.03 -22.17
CA ILE A 212 -0.64 1.03 -22.13
C ILE A 212 -1.07 -0.36 -22.58
N HIS A 213 -0.37 -1.41 -22.15
CA HIS A 213 -0.70 -2.74 -22.61
C HIS A 213 -2.04 -3.24 -22.06
N CYS A 214 -2.63 -2.57 -21.07
CA CYS A 214 -3.90 -2.99 -20.50
C CYS A 214 -5.07 -2.11 -20.93
N PHE A 215 -4.86 -1.21 -21.89
CA PHE A 215 -5.80 -0.15 -22.16
C PHE A 215 -7.03 -0.60 -22.97
N GLU A 216 -7.12 -1.85 -23.39
CA GLU A 216 -8.17 -2.29 -24.29
C GLU A 216 -9.37 -2.83 -23.52
N GLY A 217 -10.56 -2.35 -23.86
CA GLY A 217 -11.80 -2.92 -23.36
C GLY A 217 -12.05 -2.77 -21.87
N VAL A 218 -11.61 -1.66 -21.28
CA VAL A 218 -11.72 -1.46 -19.84
C VAL A 218 -13.12 -0.97 -19.49
N THR A 219 -13.83 -1.73 -18.66
CA THR A 219 -15.15 -1.31 -18.21
C THR A 219 -15.05 -0.19 -17.19
N ALA A 220 -14.10 -0.28 -16.27
CA ALA A 220 -13.91 0.74 -15.25
C ALA A 220 -12.47 0.72 -14.78
N ILE A 221 -11.99 1.89 -14.38
CA ILE A 221 -10.67 2.05 -13.78
C ILE A 221 -10.86 2.31 -12.29
N ILE A 222 -10.09 1.62 -11.47
CA ILE A 222 -9.98 1.92 -10.05
C ILE A 222 -8.60 2.52 -9.85
N PHE A 223 -8.54 3.82 -9.62
CA PHE A 223 -7.29 4.52 -9.41
C PHE A 223 -7.05 4.64 -7.91
N CYS A 224 -5.96 4.03 -7.44
CA CYS A 224 -5.63 4.02 -6.02
C CYS A 224 -4.67 5.15 -5.69
N VAL A 225 -4.94 5.83 -4.58
CA VAL A 225 -4.08 6.89 -4.06
C VAL A 225 -3.78 6.58 -2.60
N ALA A 226 -2.51 6.64 -2.22
CA ALA A 226 -2.12 6.50 -0.82
C ALA A 226 -2.24 7.87 -0.15
N LEU A 227 -3.34 8.07 0.59
CA LEU A 227 -3.55 9.34 1.28
C LEU A 227 -2.37 9.71 2.17
N SER A 228 -1.77 8.72 2.82
CA SER A 228 -0.66 8.97 3.74
C SER A 228 0.65 9.24 3.04
N ASP A 229 0.68 9.33 1.71
CA ASP A 229 1.88 9.66 0.97
C ASP A 229 2.16 11.15 0.91
N TYR A 230 1.31 11.99 1.52
CA TYR A 230 1.39 13.43 1.30
C TYR A 230 2.70 14.03 1.84
N ASP A 231 3.35 13.38 2.79
CA ASP A 231 4.63 13.89 3.31
C ASP A 231 5.80 12.97 2.98
N LEU A 232 5.67 12.14 1.94
CA LEU A 232 6.72 11.22 1.54
C LEU A 232 7.29 11.61 0.17
N VAL A 233 8.45 11.03 -0.15
CA VAL A 233 9.10 11.24 -1.44
C VAL A 233 9.28 9.88 -2.11
N LEU A 234 9.49 9.92 -3.42
CA LEU A 234 9.59 8.68 -4.20
C LEU A 234 10.88 7.94 -3.87
N ALA A 235 10.78 6.62 -3.80
CA ALA A 235 11.99 5.80 -3.65
C ALA A 235 12.92 5.98 -4.85
N GLU A 236 12.36 6.21 -6.04
CA GLU A 236 13.16 6.43 -7.24
C GLU A 236 13.64 7.88 -7.37
N ASP A 237 13.22 8.77 -6.47
CA ASP A 237 13.62 10.17 -6.51
C ASP A 237 13.24 10.86 -5.21
N GLU A 238 14.23 11.25 -4.41
CA GLU A 238 13.98 11.88 -3.12
C GLU A 238 13.56 13.33 -3.24
N GLU A 239 13.56 13.90 -4.45
CA GLU A 239 13.13 15.27 -4.67
C GLU A 239 11.67 15.39 -5.09
N MET A 240 11.02 14.27 -5.42
CA MET A 240 9.66 14.28 -5.95
C MET A 240 8.69 13.83 -4.87
N ASN A 241 7.70 14.68 -4.58
CA ASN A 241 6.68 14.34 -3.59
C ASN A 241 5.76 13.25 -4.13
N ARG A 242 5.50 12.24 -3.30
CA ARG A 242 4.74 11.07 -3.76
C ARG A 242 3.34 11.45 -4.20
N MET A 243 2.65 12.31 -3.44
N MET A 243 2.65 12.31 -3.45
CA MET A 243 1.28 12.67 -3.77
CA MET A 243 1.26 12.63 -3.80
C MET A 243 1.20 13.51 -5.03
C MET A 243 1.20 13.50 -5.05
N HIS A 244 2.22 14.33 -5.30
CA HIS A 244 2.24 15.11 -6.53
C HIS A 244 2.42 14.20 -7.75
N GLU A 245 3.21 13.13 -7.60
CA GLU A 245 3.33 12.17 -8.70
C GLU A 245 2.00 11.47 -8.94
N SER A 246 1.31 11.09 -7.86
CA SER A 246 -0.01 10.48 -8.01
C SER A 246 -0.98 11.41 -8.75
N MET A 247 -0.97 12.70 -8.40
CA MET A 247 -1.84 13.64 -9.08
CA MET A 247 -1.84 13.65 -9.08
C MET A 247 -1.53 13.72 -10.57
N LYS A 248 -0.24 13.71 -10.94
CA LYS A 248 0.13 13.76 -12.35
C LYS A 248 -0.38 12.54 -13.09
N LEU A 249 -0.25 11.36 -12.49
CA LEU A 249 -0.76 10.14 -13.12
C LEU A 249 -2.27 10.19 -13.26
N PHE A 250 -2.98 10.61 -12.21
CA PHE A 250 -4.42 10.71 -12.30
C PHE A 250 -4.85 11.72 -13.35
N ASP A 251 -4.15 12.85 -13.42
CA ASP A 251 -4.45 13.85 -14.45
C ASP A 251 -4.35 13.23 -15.83
N SER A 252 -3.28 12.46 -16.09
CA SER A 252 -3.12 11.83 -17.40
C SER A 252 -4.22 10.83 -17.69
N ILE A 253 -4.56 9.99 -16.73
CA ILE A 253 -5.53 8.92 -16.97
C ILE A 253 -6.94 9.49 -17.10
N CYS A 254 -7.34 10.33 -16.15
CA CYS A 254 -8.72 10.82 -16.12
C CYS A 254 -9.08 11.62 -17.36
N ASN A 255 -8.11 12.31 -17.93
CA ASN A 255 -8.37 13.18 -19.08
C ASN A 255 -7.98 12.54 -20.40
N ASN A 256 -7.56 11.28 -20.39
CA ASN A 256 -7.23 10.59 -21.63
C ASN A 256 -8.52 10.27 -22.39
N LYS A 257 -8.62 10.81 -23.61
CA LYS A 257 -9.81 10.61 -24.45
C LYS A 257 -10.14 9.15 -24.68
N TRP A 258 -9.12 8.27 -24.63
CA TRP A 258 -9.36 6.84 -24.77
C TRP A 258 -10.29 6.29 -23.69
N PHE A 259 -10.30 6.91 -22.50
CA PHE A 259 -11.12 6.46 -21.39
C PHE A 259 -12.38 7.30 -21.20
N THR A 260 -12.79 8.04 -22.23
CA THR A 260 -13.99 8.87 -22.14
C THR A 260 -15.19 8.09 -21.64
N ASP A 261 -15.41 6.88 -22.17
CA ASP A 261 -16.56 6.07 -21.81
C ASP A 261 -16.25 5.06 -20.72
N THR A 262 -15.07 5.14 -20.10
CA THR A 262 -14.71 4.25 -19.01
C THR A 262 -15.03 4.92 -17.68
N SER A 263 -15.71 4.19 -16.79
CA SER A 263 -15.97 4.70 -15.46
C SER A 263 -14.67 4.89 -14.69
N ILE A 264 -14.48 6.05 -14.11
CA ILE A 264 -13.30 6.36 -13.33
C ILE A 264 -13.69 6.29 -11.86
N ILE A 265 -13.12 5.33 -11.14
CA ILE A 265 -13.33 5.15 -9.71
C ILE A 265 -12.03 5.53 -9.01
N LEU A 266 -12.13 6.37 -7.99
CA LEU A 266 -10.97 6.87 -7.26
C LEU A 266 -11.02 6.30 -5.85
N PHE A 267 -10.03 5.47 -5.51
CA PHE A 267 -9.86 4.96 -4.15
C PHE A 267 -8.85 5.84 -3.44
N LEU A 268 -9.32 6.68 -2.53
CA LEU A 268 -8.42 7.42 -1.65
C LEU A 268 -8.10 6.48 -0.49
N ASN A 269 -6.96 5.80 -0.61
CA ASN A 269 -6.63 4.63 0.20
C ASN A 269 -5.72 5.00 1.37
N LYS A 270 -5.47 4.00 2.22
CA LYS A 270 -4.68 4.16 3.44
C LYS A 270 -5.27 5.23 4.35
N LYS A 271 -6.60 5.27 4.44
CA LYS A 271 -7.24 6.28 5.28
C LYS A 271 -6.91 6.06 6.75
N ASP A 272 -6.63 4.82 7.14
CA ASP A 272 -6.23 4.55 8.52
C ASP A 272 -4.88 5.19 8.83
N LEU A 273 -3.89 5.02 7.94
CA LEU A 273 -2.60 5.65 8.15
C LEU A 273 -2.71 7.17 8.06
N PHE A 274 -3.56 7.66 7.17
CA PHE A 274 -3.73 9.11 7.03
C PHE A 274 -4.32 9.73 8.28
N GLU A 275 -5.31 9.06 8.88
CA GLU A 275 -5.95 9.57 10.09
C GLU A 275 -4.94 9.74 11.22
N GLU A 276 -3.98 8.81 11.33
CA GLU A 276 -2.97 8.93 12.36
C GLU A 276 -1.94 10.00 11.98
N LYS A 277 -1.55 10.05 10.71
CA LYS A 277 -0.48 10.96 10.31
C LYS A 277 -0.94 12.41 10.33
N ILE A 278 -2.20 12.68 9.98
CA ILE A 278 -2.67 14.05 9.91
C ILE A 278 -2.58 14.76 11.26
N LYS A 279 -2.55 14.00 12.36
CA LYS A 279 -2.49 14.62 13.68
C LYS A 279 -1.15 15.29 13.95
N LYS A 280 -0.07 14.82 13.32
CA LYS A 280 1.27 15.26 13.68
C LYS A 280 2.12 15.72 12.51
N SER A 281 1.69 15.51 11.26
CA SER A 281 2.44 15.90 10.08
C SER A 281 1.61 16.88 9.28
N PRO A 282 2.04 18.14 9.13
CA PRO A 282 1.17 19.13 8.49
C PRO A 282 0.99 18.86 7.00
N LEU A 283 -0.25 19.04 6.53
CA LEU A 283 -0.57 18.83 5.13
C LEU A 283 0.11 19.85 4.24
N THR A 284 0.53 20.99 4.79
CA THR A 284 1.22 22.02 4.01
C THR A 284 2.53 21.52 3.43
N ILE A 285 3.07 20.42 3.95
CA ILE A 285 4.21 19.76 3.31
C ILE A 285 3.89 19.46 1.85
N CYS A 286 2.65 19.03 1.58
CA CYS A 286 2.22 18.69 0.24
C CYS A 286 1.57 19.87 -0.47
N TYR A 287 0.62 20.53 0.20
CA TYR A 287 -0.13 21.64 -0.36
C TYR A 287 0.10 22.87 0.50
N PRO A 288 1.08 23.71 0.16
CA PRO A 288 1.39 24.88 1.01
C PRO A 288 0.22 25.81 1.24
N GLU A 289 -0.79 25.78 0.37
CA GLU A 289 -1.93 26.67 0.46
C GLU A 289 -3.06 26.13 1.33
N TYR A 290 -2.88 24.96 1.94
CA TYR A 290 -3.94 24.37 2.76
C TYR A 290 -4.11 25.18 4.05
N ALA A 291 -5.33 25.65 4.30
CA ALA A 291 -5.61 26.49 5.46
C ALA A 291 -6.54 25.82 6.47
N GLY A 292 -6.87 24.55 6.28
CA GLY A 292 -7.75 23.87 7.20
C GLY A 292 -7.02 23.34 8.41
N SER A 293 -7.78 22.66 9.27
CA SER A 293 -7.21 22.08 10.47
C SER A 293 -6.49 20.77 10.16
N ASN A 294 -5.75 20.29 11.15
CA ASN A 294 -5.07 18.99 11.06
C ASN A 294 -5.98 17.86 11.54
N THR A 295 -7.19 17.82 10.99
CA THR A 295 -8.14 16.78 11.32
C THR A 295 -8.50 15.99 10.06
N TYR A 296 -9.03 14.80 10.28
CA TYR A 296 -9.23 13.85 9.18
C TYR A 296 -10.22 14.39 8.15
N GLU A 297 -11.40 14.84 8.60
CA GLU A 297 -12.46 15.15 7.66
C GLU A 297 -12.10 16.31 6.75
N GLU A 298 -11.58 17.40 7.33
CA GLU A 298 -11.23 18.56 6.51
C GLU A 298 -10.11 18.24 5.55
N ALA A 299 -9.03 17.63 6.05
CA ALA A 299 -7.88 17.34 5.19
C ALA A 299 -8.21 16.31 4.12
N ALA A 300 -8.98 15.28 4.49
CA ALA A 300 -9.37 14.27 3.51
C ALA A 300 -10.17 14.90 2.37
N ALA A 301 -11.15 15.73 2.72
CA ALA A 301 -11.97 16.38 1.69
C ALA A 301 -11.11 17.31 0.83
N TYR A 302 -10.11 17.96 1.42
CA TYR A 302 -9.24 18.83 0.65
C TYR A 302 -8.44 18.05 -0.38
N ILE A 303 -7.94 16.87 -0.01
CA ILE A 303 -7.21 16.04 -0.97
C ILE A 303 -8.14 15.52 -2.06
N GLN A 304 -9.35 15.09 -1.68
CA GLN A 304 -10.34 14.68 -2.68
C GLN A 304 -10.54 15.76 -3.73
N CYS A 305 -10.75 17.00 -3.29
CA CYS A 305 -10.99 18.09 -4.22
C CYS A 305 -9.76 18.37 -5.08
N GLN A 306 -8.56 18.20 -4.53
CA GLN A 306 -7.36 18.40 -5.33
C GLN A 306 -7.31 17.42 -6.50
N PHE A 307 -7.68 16.17 -6.26
CA PHE A 307 -7.68 15.18 -7.34
C PHE A 307 -8.85 15.40 -8.28
N GLU A 308 -10.05 15.61 -7.74
CA GLU A 308 -11.21 15.74 -8.61
C GLU A 308 -11.13 17.00 -9.47
N ASP A 309 -10.43 18.04 -8.99
CA ASP A 309 -10.29 19.27 -9.77
C ASP A 309 -9.40 19.10 -10.99
N LEU A 310 -8.62 18.01 -11.07
CA LEU A 310 -7.84 17.74 -12.27
C LEU A 310 -8.71 17.31 -13.44
N ASN A 311 -9.95 16.90 -13.16
CA ASN A 311 -10.90 16.53 -14.21
C ASN A 311 -11.21 17.75 -15.07
N LYS A 312 -10.81 17.71 -16.35
CA LYS A 312 -11.08 18.82 -17.25
C LYS A 312 -12.49 18.82 -17.82
N ARG A 313 -13.28 17.77 -17.56
CA ARG A 313 -14.63 17.64 -18.10
C ARG A 313 -15.63 17.36 -16.98
N LYS A 314 -15.73 18.31 -16.03
CA LYS A 314 -16.52 18.09 -14.83
C LYS A 314 -17.99 17.88 -15.13
N ASP A 315 -18.49 18.42 -16.23
CA ASP A 315 -19.91 18.31 -16.55
C ASP A 315 -20.24 17.03 -17.31
N THR A 316 -19.29 16.50 -18.09
CA THR A 316 -19.55 15.31 -18.89
C THR A 316 -18.90 14.04 -18.35
N LYS A 317 -17.97 14.15 -17.40
CA LYS A 317 -17.29 12.98 -16.87
C LYS A 317 -17.38 12.98 -15.35
N GLU A 318 -17.87 11.87 -14.79
CA GLU A 318 -18.07 11.74 -13.36
C GLU A 318 -16.96 10.89 -12.75
N ILE A 319 -16.54 11.25 -11.54
CA ILE A 319 -15.56 10.49 -10.77
C ILE A 319 -16.25 9.96 -9.53
N TYR A 320 -16.12 8.66 -9.29
CA TYR A 320 -16.75 7.99 -8.15
C TYR A 320 -15.66 7.77 -7.10
N THR A 321 -15.66 8.61 -6.07
CA THR A 321 -14.61 8.62 -5.07
C THR A 321 -15.04 7.86 -3.82
N HIS A 322 -14.16 7.01 -3.32
CA HIS A 322 -14.36 6.29 -2.07
C HIS A 322 -13.08 6.36 -1.24
N PHE A 323 -13.25 6.52 0.07
CA PHE A 323 -12.13 6.49 1.01
C PHE A 323 -12.02 5.07 1.56
N THR A 324 -10.83 4.48 1.46
CA THR A 324 -10.69 3.06 1.71
C THR A 324 -9.52 2.78 2.64
N CYS A 325 -9.60 1.63 3.28
CA CYS A 325 -8.46 0.99 3.94
C CYS A 325 -8.33 -0.39 3.29
N ALA A 326 -7.41 -0.50 2.32
CA ALA A 326 -7.36 -1.70 1.48
C ALA A 326 -7.07 -2.96 2.29
N THR A 327 -6.47 -2.85 3.46
CA THR A 327 -6.20 -4.04 4.27
C THR A 327 -7.41 -4.45 5.12
N ASP A 328 -8.45 -3.62 5.18
CA ASP A 328 -9.64 -3.87 5.98
C ASP A 328 -10.68 -4.56 5.10
N THR A 329 -10.86 -5.87 5.30
CA THR A 329 -11.73 -6.64 4.43
C THR A 329 -13.17 -6.14 4.49
N LYS A 330 -13.66 -5.80 5.68
CA LYS A 330 -15.03 -5.32 5.80
C LYS A 330 -15.23 -4.02 5.03
N ASN A 331 -14.29 -3.09 5.14
CA ASN A 331 -14.39 -1.82 4.43
C ASN A 331 -14.36 -2.04 2.91
N VAL A 332 -13.45 -2.88 2.44
CA VAL A 332 -13.34 -3.10 0.99
C VAL A 332 -14.59 -3.79 0.46
N GLN A 333 -15.17 -4.70 1.24
CA GLN A 333 -16.36 -5.42 0.79
C GLN A 333 -17.52 -4.46 0.53
N PHE A 334 -17.78 -3.56 1.47
CA PHE A 334 -18.89 -2.62 1.31
C PHE A 334 -18.59 -1.59 0.23
N VAL A 335 -17.34 -1.14 0.13
CA VAL A 335 -16.98 -0.19 -0.91
C VAL A 335 -17.10 -0.83 -2.29
N PHE A 336 -16.62 -2.08 -2.43
CA PHE A 336 -16.70 -2.72 -3.74
C PHE A 336 -18.13 -3.11 -4.08
N ASP A 337 -18.95 -3.38 -3.07
CA ASP A 337 -20.38 -3.56 -3.30
C ASP A 337 -20.97 -2.30 -3.92
N ALA A 338 -20.67 -1.13 -3.35
CA ALA A 338 -21.18 0.12 -3.89
C ALA A 338 -20.61 0.38 -5.29
N VAL A 339 -19.35 0.01 -5.51
CA VAL A 339 -18.74 0.19 -6.83
C VAL A 339 -19.46 -0.67 -7.87
N THR A 340 -19.78 -1.92 -7.49
CA THR A 340 -20.41 -2.84 -8.45
C THR A 340 -21.78 -2.33 -8.88
N ASP A 341 -22.54 -1.72 -7.96
CA ASP A 341 -23.83 -1.14 -8.32
C ASP A 341 -23.68 -0.06 -9.38
N VAL A 342 -22.68 0.82 -9.24
CA VAL A 342 -22.44 1.85 -10.23
C VAL A 342 -22.11 1.23 -11.58
N ILE A 343 -21.26 0.20 -11.57
CA ILE A 343 -20.92 -0.49 -12.82
C ILE A 343 -22.15 -1.16 -13.41
N ILE A 344 -22.97 -1.79 -12.55
CA ILE A 344 -24.19 -2.45 -13.02
C ILE A 344 -25.12 -1.44 -13.68
N LYS A 345 -25.40 -0.34 -12.98
CA LYS A 345 -26.29 0.69 -13.52
C LYS A 345 -25.69 1.40 -14.72
N ASN A 346 -24.37 1.39 -14.87
CA ASN A 346 -23.65 2.12 -15.92
C ASN A 346 -24.03 3.60 -15.87
PG GSP B . 3.04 -1.63 -6.67
O3B GSP B . 2.31 -1.26 -5.27
S1G GSP B . 4.97 -1.40 -6.39
O2G GSP B . 2.54 -0.64 -7.84
O3G GSP B . 2.72 -3.14 -7.07
PB GSP B . 0.75 -1.51 -4.97
O1B GSP B . -0.09 -0.42 -5.58
O2B GSP B . 0.31 -2.87 -5.45
PA GSP B . 0.42 -2.70 -2.42
O1A GSP B . -0.90 -3.41 -2.55
O2A GSP B . 1.57 -3.64 -2.67
O3A GSP B . 0.51 -1.42 -3.38
O5' GSP B . 0.50 -2.10 -0.93
C5' GSP B . 1.75 -1.65 -0.41
C4' GSP B . 1.82 -1.94 1.08
O4' GSP B . 0.87 -1.12 1.78
C3' GSP B . 1.46 -3.38 1.41
O3' GSP B . 2.30 -3.82 2.48
C2' GSP B . 0.02 -3.31 1.88
O2' GSP B . -0.27 -4.32 2.85
C1' GSP B . -0.05 -1.94 2.51
N9 GSP B . -1.38 -1.31 2.39
C8 GSP B . -2.13 -1.20 1.27
N7 GSP B . -3.29 -0.54 1.53
C5 GSP B . -3.28 -0.21 2.83
C6 GSP B . -4.18 0.50 3.77
O6 GSP B . -5.28 0.97 3.38
N1 GSP B . -3.79 0.62 5.04
C2 GSP B . -2.62 0.13 5.51
N2 GSP B . -2.30 0.30 6.81
N3 GSP B . -1.75 -0.52 4.70
C4 GSP B . -2.02 -0.71 3.39
MG MG C . 0.99 -4.29 -6.85
#